data_5WCF
#
_entry.id   5WCF
#
_cell.length_a   94.721
_cell.length_b   94.721
_cell.length_c   108.713
_cell.angle_alpha   90.000
_cell.angle_beta   90.000
_cell.angle_gamma   90.000
#
_symmetry.space_group_name_H-M   'I 41'
#
loop_
_entity.id
_entity.type
_entity.pdbx_description
1 polymer 'Protein arginine N-methyltransferase 6'
2 non-polymer S-ADENOSYL-L-HOMOCYSTEINE
3 non-polymer (5R)-4-(5-bromofuran-2-carbonyl)-5-(4-fluorophenyl)-7-methyl-1,3,4,5-tetrahydro-2H-1,4-benzodiazepin-2-one
4 non-polymer TRIS-HYDROXYMETHYL-METHYL-AMMONIUM
5 water water
#
_entity_poly.entity_id   1
_entity_poly.type   'polypeptide(L)'
_entity_poly.pdbx_seq_one_letter_code
;GMSQPKKRKLESGGGGEGGEGTEEEDGAEREAALERPRRTKRERDQLYYECYSDVSVHEEMIADRVRTDAYRLGILRNWA
ALRGKTVLDVGAGTGILSIFCAQAGARRVYAVEASAIWQQAREVVRFNGLEDRVHVLPGPVETVELPEQVDAIVSEWMGY
GLLHESMLSSVLHARTKWLKEGGLLLPASAELFIVPISDQMLEWRLGFWSQVKQHYGVDMSCLEGFATRCLMGHSEIVVQ
GLSGEDVLARPQRFAQLELSRAGLEQELEAGVGGRFRCSCYGSAPMHGFAIWFQVTFPGGESEKPLVLSTSPFHPATHWK
QALLYLNEPVQVEQDTDVSGEITLLPSRDNPRRLRVLLRYKVGDQEEKTKDFAMED
;
_entity_poly.pdbx_strand_id   A
#
loop_
_chem_comp.id
_chem_comp.type
_chem_comp.name
_chem_comp.formula
144 non-polymer TRIS-HYDROXYMETHYL-METHYL-AMMONIUM 'C4 H12 N O3 1'
A0S non-polymer (5R)-4-(5-bromofuran-2-carbonyl)-5-(4-fluorophenyl)-7-methyl-1,3,4,5-tetrahydro-2H-1,4-benzodiazepin-2-one 'C21 H16 Br F N2 O3'
SAH non-polymer S-ADENOSYL-L-HOMOCYSTEINE 'C14 H20 N6 O5 S'
#
# COMPACT_ATOMS: atom_id res chain seq x y z
N CYS A 51 -14.74 8.27 -18.42
CA CYS A 51 -14.62 7.52 -17.13
C CYS A 51 -14.11 6.07 -17.31
N TYR A 52 -13.15 5.86 -18.22
CA TYR A 52 -12.58 4.53 -18.49
C TYR A 52 -11.63 4.07 -17.37
N SER A 53 -10.59 4.85 -17.09
CA SER A 53 -9.68 4.60 -15.97
C SER A 53 -10.38 4.73 -14.61
N ASP A 54 -11.52 5.44 -14.62
CA ASP A 54 -12.41 5.54 -13.46
C ASP A 54 -13.07 4.19 -13.13
N VAL A 55 -13.64 3.51 -14.13
CA VAL A 55 -14.26 2.20 -13.91
C VAL A 55 -13.23 1.11 -13.65
N SER A 56 -12.09 1.19 -14.34
CA SER A 56 -11.00 0.22 -14.22
C SER A 56 -10.44 0.17 -12.79
N VAL A 57 -10.32 1.34 -12.16
CA VAL A 57 -9.81 1.44 -10.79
C VAL A 57 -10.77 0.73 -9.83
N HIS A 58 -12.06 1.01 -9.92
CA HIS A 58 -13.04 0.39 -9.02
C HIS A 58 -13.23 -1.09 -9.33
N GLU A 59 -13.17 -1.45 -10.62
CA GLU A 59 -13.15 -2.83 -11.04
C GLU A 59 -11.98 -3.62 -10.45
N GLU A 60 -10.79 -3.05 -10.55
CA GLU A 60 -9.56 -3.64 -10.01
C GLU A 60 -9.69 -3.93 -8.50
N MET A 61 -10.18 -2.98 -7.73
CA MET A 61 -10.33 -3.11 -6.27
CA MET A 61 -10.24 -3.18 -6.28
C MET A 61 -11.28 -4.23 -5.90
N ILE A 62 -12.46 -4.23 -6.53
CA ILE A 62 -13.51 -5.20 -6.19
C ILE A 62 -13.15 -6.60 -6.66
N ALA A 63 -12.48 -6.69 -7.82
CA ALA A 63 -11.96 -7.96 -8.32
C ALA A 63 -10.83 -8.56 -7.47
N ASP A 64 -10.20 -7.75 -6.65
CA ASP A 64 -9.19 -8.22 -5.68
C ASP A 64 -9.91 -8.86 -4.51
N ARG A 65 -9.99 -10.18 -4.53
CA ARG A 65 -10.70 -10.94 -3.52
C ARG A 65 -10.00 -10.95 -2.18
N VAL A 66 -8.66 -10.84 -2.19
CA VAL A 66 -7.89 -10.80 -0.95
C VAL A 66 -8.21 -9.50 -0.23
N ARG A 67 -8.13 -8.38 -0.95
CA ARG A 67 -8.50 -7.07 -0.41
CA ARG A 67 -8.48 -7.10 -0.38
C ARG A 67 -9.94 -7.10 0.10
N THR A 68 -10.84 -7.57 -0.74
CA THR A 68 -12.25 -7.39 -0.46
C THR A 68 -12.77 -8.34 0.63
N ASP A 69 -12.36 -9.61 0.59
CA ASP A 69 -12.68 -10.53 1.68
C ASP A 69 -12.04 -10.12 3.00
N ALA A 70 -10.81 -9.59 2.96
CA ALA A 70 -10.18 -9.10 4.21
C ALA A 70 -11.01 -7.98 4.83
N TYR A 71 -11.52 -7.06 4.02
CA TYR A 71 -12.33 -5.96 4.55
C TYR A 71 -13.67 -6.51 5.04
N ARG A 72 -14.27 -7.38 4.24
CA ARG A 72 -15.55 -7.97 4.62
CA ARG A 72 -15.54 -8.05 4.58
C ARG A 72 -15.46 -8.69 5.98
N LEU A 73 -14.52 -9.62 6.13
CA LEU A 73 -14.32 -10.38 7.37
C LEU A 73 -13.81 -9.49 8.50
N GLY A 74 -12.87 -8.61 8.18
CA GLY A 74 -12.39 -7.63 9.14
C GLY A 74 -13.50 -6.82 9.80
N ILE A 75 -14.47 -6.38 8.99
CA ILE A 75 -15.60 -5.60 9.47
C ILE A 75 -16.63 -6.51 10.19
N LEU A 76 -16.99 -7.63 9.56
CA LEU A 76 -17.98 -8.56 10.14
C LEU A 76 -17.55 -9.09 11.50
N ARG A 77 -16.26 -9.37 11.67
CA ARG A 77 -15.73 -9.88 12.94
C ARG A 77 -15.83 -8.85 14.07
N ASN A 78 -16.07 -7.58 13.75
CA ASN A 78 -16.44 -6.58 14.75
C ASN A 78 -17.96 -6.35 14.86
N TRP A 79 -18.76 -7.33 14.48
CA TRP A 79 -20.24 -7.18 14.58
C TRP A 79 -20.69 -6.76 15.97
N ALA A 80 -20.11 -7.38 17.00
CA ALA A 80 -20.47 -7.04 18.37
C ALA A 80 -20.21 -5.56 18.70
N ALA A 81 -19.11 -4.99 18.20
CA ALA A 81 -18.81 -3.56 18.41
C ALA A 81 -19.54 -2.60 17.44
N LEU A 82 -20.00 -3.11 16.31
CA LEU A 82 -20.70 -2.33 15.31
C LEU A 82 -22.22 -2.41 15.39
N ARG A 83 -22.77 -3.52 15.89
CA ARG A 83 -24.22 -3.72 15.89
C ARG A 83 -24.91 -2.53 16.59
N GLY A 84 -25.74 -1.82 15.83
CA GLY A 84 -26.49 -0.69 16.37
C GLY A 84 -25.73 0.63 16.50
N LYS A 85 -24.51 0.67 15.97
CA LYS A 85 -23.61 1.81 16.12
C LYS A 85 -23.47 2.55 14.79
N THR A 86 -22.72 3.66 14.80
CA THR A 86 -22.57 4.52 13.62
C THR A 86 -21.16 4.48 13.09
N VAL A 87 -21.04 4.48 11.76
CA VAL A 87 -19.75 4.38 11.07
C VAL A 87 -19.60 5.49 10.03
N LEU A 88 -18.38 6.04 9.95
CA LEU A 88 -17.97 6.90 8.83
C LEU A 88 -17.04 6.11 7.89
N ASP A 89 -17.43 5.98 6.62
CA ASP A 89 -16.60 5.37 5.56
C ASP A 89 -15.93 6.49 4.77
N VAL A 90 -14.62 6.66 4.97
CA VAL A 90 -13.89 7.75 4.35
C VAL A 90 -13.41 7.32 2.98
N GLY A 91 -14.03 7.88 1.95
CA GLY A 91 -13.66 7.58 0.57
C GLY A 91 -14.35 6.33 0.16
N ALA A 92 -15.67 6.38 0.22
CA ALA A 92 -16.51 5.20 0.06
C ALA A 92 -16.51 4.58 -1.33
N GLY A 93 -16.09 5.33 -2.35
CA GLY A 93 -15.97 4.74 -3.69
C GLY A 93 -17.33 4.29 -4.17
N THR A 94 -17.44 3.02 -4.56
CA THR A 94 -18.72 2.45 -4.98
C THR A 94 -19.62 2.04 -3.81
N GLY A 95 -19.17 2.22 -2.56
CA GLY A 95 -19.99 1.99 -1.38
C GLY A 95 -19.93 0.60 -0.74
N ILE A 96 -19.08 -0.31 -1.26
CA ILE A 96 -19.10 -1.69 -0.80
C ILE A 96 -18.73 -1.85 0.69
N LEU A 97 -17.78 -1.07 1.17
CA LEU A 97 -17.35 -1.13 2.58
C LEU A 97 -18.41 -0.62 3.54
N SER A 98 -19.13 0.41 3.11
CA SER A 98 -20.29 0.90 3.86
C SER A 98 -21.37 -0.16 3.98
N ILE A 99 -21.64 -0.87 2.89
CA ILE A 99 -22.60 -1.97 2.91
C ILE A 99 -22.13 -3.14 3.79
N PHE A 100 -20.83 -3.45 3.77
CA PHE A 100 -20.27 -4.43 4.71
C PHE A 100 -20.55 -4.06 6.16
N CYS A 101 -20.42 -2.77 6.48
CA CYS A 101 -20.71 -2.27 7.80
C CYS A 101 -22.18 -2.44 8.21
N ALA A 102 -23.09 -2.25 7.25
CA ALA A 102 -24.52 -2.47 7.48
C ALA A 102 -24.79 -3.96 7.69
N GLN A 103 -24.16 -4.81 6.89
CA GLN A 103 -24.30 -6.25 7.07
C GLN A 103 -23.80 -6.70 8.46
N ALA A 104 -22.74 -6.05 8.97
CA ALA A 104 -22.23 -6.28 10.33
C ALA A 104 -23.15 -5.77 11.45
N GLY A 105 -24.11 -4.95 11.08
CA GLY A 105 -25.18 -4.51 11.98
C GLY A 105 -25.22 -3.05 12.29
N ALA A 106 -24.41 -2.22 11.63
CA ALA A 106 -24.40 -0.78 11.91
C ALA A 106 -25.79 -0.20 11.71
N ARG A 107 -26.18 0.71 12.61
N ARG A 107 -26.20 0.72 12.58
CA ARG A 107 -27.48 1.41 12.47
CA ARG A 107 -27.50 1.37 12.42
C ARG A 107 -27.40 2.46 11.38
C ARG A 107 -27.42 2.48 11.37
N ARG A 108 -26.31 3.22 11.35
CA ARG A 108 -26.10 4.31 10.40
C ARG A 108 -24.65 4.29 9.88
N VAL A 109 -24.48 4.35 8.56
CA VAL A 109 -23.16 4.52 7.93
C VAL A 109 -23.14 5.78 7.07
N TYR A 110 -22.18 6.67 7.32
CA TYR A 110 -21.96 7.83 6.47
C TYR A 110 -20.87 7.55 5.43
N ALA A 111 -21.27 7.44 4.17
CA ALA A 111 -20.40 7.07 3.07
C ALA A 111 -19.96 8.31 2.34
N VAL A 112 -18.76 8.79 2.66
CA VAL A 112 -18.29 10.08 2.18
C VAL A 112 -17.36 9.86 1.00
N GLU A 113 -17.68 10.46 -0.15
CA GLU A 113 -16.87 10.29 -1.35
C GLU A 113 -16.75 11.59 -2.10
N ALA A 114 -15.52 12.00 -2.37
CA ALA A 114 -15.21 13.27 -3.05
C ALA A 114 -15.35 13.21 -4.58
N SER A 115 -14.98 12.08 -5.21
CA SER A 115 -15.00 11.97 -6.69
C SER A 115 -16.34 11.46 -7.24
N ALA A 116 -16.52 11.57 -8.55
CA ALA A 116 -17.83 11.37 -9.19
C ALA A 116 -18.44 9.99 -8.99
N ILE A 117 -17.61 9.00 -8.64
CA ILE A 117 -18.08 7.66 -8.29
C ILE A 117 -19.15 7.65 -7.16
N TRP A 118 -19.27 8.74 -6.40
CA TRP A 118 -20.33 8.82 -5.38
C TRP A 118 -21.74 8.60 -5.97
N GLN A 119 -21.95 9.02 -7.22
CA GLN A 119 -23.23 8.80 -7.92
C GLN A 119 -23.55 7.33 -7.99
N GLN A 120 -22.53 6.53 -8.31
CA GLN A 120 -22.65 5.06 -8.33
C GLN A 120 -22.86 4.47 -6.94
N ALA A 121 -22.20 5.04 -5.93
CA ALA A 121 -22.42 4.61 -4.55
C ALA A 121 -23.87 4.82 -4.15
N ARG A 122 -24.38 6.05 -4.30
CA ARG A 122 -25.83 6.35 -4.10
C ARG A 122 -26.71 5.31 -4.76
N GLU A 123 -26.41 5.04 -6.03
CA GLU A 123 -27.17 4.07 -6.83
C GLU A 123 -27.11 2.66 -6.25
N VAL A 124 -25.91 2.19 -5.92
CA VAL A 124 -25.74 0.83 -5.35
C VAL A 124 -26.48 0.64 -4.01
N VAL A 125 -26.41 1.65 -3.15
CA VAL A 125 -27.07 1.62 -1.84
C VAL A 125 -28.59 1.58 -2.03
N ARG A 126 -29.12 2.57 -2.76
CA ARG A 126 -30.54 2.64 -3.09
C ARG A 126 -30.99 1.31 -3.70
N PHE A 127 -30.23 0.81 -4.66
CA PHE A 127 -30.54 -0.47 -5.31
C PHE A 127 -30.59 -1.66 -4.34
N ASN A 128 -29.72 -1.66 -3.32
CA ASN A 128 -29.77 -2.70 -2.27
C ASN A 128 -30.77 -2.38 -1.13
N GLY A 129 -31.52 -1.29 -1.22
CA GLY A 129 -32.54 -0.92 -0.23
C GLY A 129 -32.02 -0.51 1.13
N LEU A 130 -30.81 0.06 1.17
CA LEU A 130 -30.14 0.42 2.41
C LEU A 130 -30.02 1.94 2.60
N GLU A 131 -30.68 2.72 1.75
CA GLU A 131 -30.65 4.19 1.84
C GLU A 131 -31.14 4.78 3.19
N ASP A 132 -31.94 4.04 3.94
CA ASP A 132 -32.26 4.40 5.33
C ASP A 132 -31.04 4.30 6.29
N ARG A 133 -30.16 3.33 6.03
CA ARG A 133 -29.02 3.02 6.92
C ARG A 133 -27.66 3.50 6.42
N VAL A 134 -27.45 3.55 5.10
CA VAL A 134 -26.23 4.12 4.50
C VAL A 134 -26.56 5.42 3.76
N HIS A 135 -25.97 6.52 4.22
CA HIS A 135 -26.15 7.83 3.62
C HIS A 135 -24.89 8.22 2.84
N VAL A 136 -24.99 8.28 1.51
CA VAL A 136 -23.87 8.70 0.66
C VAL A 136 -23.76 10.22 0.62
N LEU A 137 -22.64 10.76 1.05
CA LEU A 137 -22.42 12.21 1.12
C LEU A 137 -21.29 12.58 0.17
N PRO A 138 -21.61 13.36 -0.86
CA PRO A 138 -20.57 13.87 -1.76
C PRO A 138 -19.63 14.89 -1.12
N GLY A 139 -18.40 14.95 -1.64
CA GLY A 139 -17.42 15.93 -1.26
C GLY A 139 -16.36 15.43 -0.28
N PRO A 140 -15.33 16.25 -0.05
CA PRO A 140 -14.22 15.86 0.78
C PRO A 140 -14.62 15.69 2.25
N VAL A 141 -13.98 14.72 2.90
CA VAL A 141 -14.27 14.44 4.30
C VAL A 141 -13.91 15.63 5.22
N GLU A 142 -12.93 16.42 4.81
CA GLU A 142 -12.45 17.56 5.60
C GLU A 142 -13.54 18.60 5.86
N THR A 143 -14.51 18.72 4.94
CA THR A 143 -15.60 19.68 5.04
C THR A 143 -16.99 19.09 5.17
N VAL A 144 -17.14 17.77 5.13
CA VAL A 144 -18.47 17.16 5.32
C VAL A 144 -19.00 17.48 6.74
N GLU A 145 -20.32 17.60 6.85
CA GLU A 145 -20.98 17.85 8.13
C GLU A 145 -21.84 16.66 8.47
N LEU A 146 -21.46 15.95 9.52
CA LEU A 146 -22.24 14.86 10.05
C LEU A 146 -23.09 15.41 11.19
N PRO A 147 -24.27 14.81 11.44
CA PRO A 147 -25.10 15.25 12.56
C PRO A 147 -24.59 14.81 13.94
N GLU A 148 -23.71 13.80 13.96
CA GLU A 148 -23.21 13.20 15.18
C GLU A 148 -21.76 12.78 14.99
N GLN A 149 -21.06 12.54 16.10
CA GLN A 149 -19.77 11.88 16.07
C GLN A 149 -20.02 10.40 15.89
N VAL A 150 -19.01 9.67 15.42
CA VAL A 150 -19.21 8.27 15.03
C VAL A 150 -18.51 7.30 15.98
N ASP A 151 -19.02 6.08 16.00
CA ASP A 151 -18.45 4.99 16.80
C ASP A 151 -17.26 4.33 16.12
N ALA A 152 -17.18 4.44 14.79
CA ALA A 152 -16.15 3.75 14.04
C ALA A 152 -15.86 4.44 12.70
N ILE A 153 -14.61 4.38 12.26
CA ILE A 153 -14.23 4.80 10.92
C ILE A 153 -13.70 3.59 10.14
N VAL A 154 -14.19 3.41 8.91
CA VAL A 154 -13.62 2.46 7.96
C VAL A 154 -13.05 3.26 6.77
N SER A 155 -11.92 2.81 6.26
CA SER A 155 -11.33 3.39 5.05
C SER A 155 -10.31 2.47 4.43
N GLU A 156 -9.99 2.76 3.17
N GLU A 156 -10.07 2.68 3.14
CA GLU A 156 -9.08 1.97 2.39
CA GLU A 156 -9.08 1.98 2.38
C GLU A 156 -8.14 2.95 1.71
C GLU A 156 -8.24 3.07 1.76
N TRP A 157 -7.18 3.43 2.49
CA TRP A 157 -6.30 4.56 2.14
C TRP A 157 -4.93 4.17 1.58
N MET A 158 -4.57 2.89 1.72
N MET A 158 -4.52 2.91 1.76
CA MET A 158 -3.21 2.41 1.57
CA MET A 158 -3.16 2.49 1.42
C MET A 158 -2.80 2.36 0.11
C MET A 158 -2.90 2.64 -0.07
N GLY A 159 -1.51 2.52 -0.12
N GLY A 159 -2.03 3.61 -0.40
CA GLY A 159 -0.90 2.36 -1.44
CA GLY A 159 -1.60 3.79 -1.79
C GLY A 159 0.39 3.12 -1.58
C GLY A 159 -0.47 2.83 -2.07
N TYR A 160 0.85 3.21 -2.82
N TYR A 160 0.09 2.90 -3.27
CA TYR A 160 2.15 3.81 -3.13
CA TYR A 160 1.25 2.09 -3.59
C TYR A 160 1.95 5.06 -3.97
C TYR A 160 2.38 2.57 -2.68
N GLY A 161 2.18 6.22 -3.36
N GLY A 161 3.25 1.65 -2.27
CA GLY A 161 2.14 7.49 -4.10
CA GLY A 161 4.30 1.99 -1.30
C GLY A 161 1.48 8.59 -3.30
C GLY A 161 3.68 2.43 0.01
N LEU A 162 1.46 9.78 -3.91
N LEU A 162 2.40 2.10 0.15
CA LEU A 162 0.91 10.99 -3.27
CA LEU A 162 1.59 2.48 1.30
C LEU A 162 -0.59 10.91 -3.02
C LEU A 162 1.28 3.97 1.37
N LEU A 163 -1.35 10.24 -3.89
N LEU A 163 2.30 4.80 1.13
CA LEU A 163 -2.79 10.04 -3.68
CA LEU A 163 2.15 6.22 1.43
C LEU A 163 -3.08 9.29 -2.36
C LEU A 163 2.07 7.14 0.22
N HIS A 164 -2.23 8.34 -2.01
N HIS A 164 2.24 6.62 -1.00
CA HIS A 164 -2.45 7.52 -0.82
CA HIS A 164 2.16 7.47 -2.19
C HIS A 164 -2.01 8.22 0.46
C HIS A 164 0.70 7.76 -2.56
N GLU A 165 -0.87 8.89 0.42
N GLU A 165 0.41 9.02 -2.85
CA GLU A 165 -0.45 9.81 1.49
CA GLU A 165 -0.95 9.42 -3.19
C GLU A 165 -1.58 10.83 1.83
C GLU A 165 -1.91 8.65 -2.31
N SER A 166 -2.15 11.43 0.81
N SER A 166 -1.74 8.80 -0.99
CA SER A 166 -3.27 12.37 0.97
CA SER A 166 -2.58 8.07 -0.06
C SER A 166 -4.49 11.70 1.60
C SER A 166 -3.64 8.98 0.53
N MET A 167 -4.72 10.45 1.22
N MET A 167 -4.71 8.39 1.04
CA MET A 167 -5.81 9.65 1.79
CA MET A 167 -5.77 9.15 1.69
C MET A 167 -5.60 9.33 3.27
C MET A 167 -5.60 9.20 3.21
N LEU A 168 -4.39 8.91 3.69
CA LEU A 168 -4.13 8.73 5.13
C LEU A 168 -4.36 10.02 5.92
N SER A 169 -3.82 11.14 5.43
CA SER A 169 -4.05 12.45 6.07
C SER A 169 -5.53 12.73 6.27
N SER A 170 -6.32 12.48 5.22
CA SER A 170 -7.78 12.70 5.29
C SER A 170 -8.46 11.81 6.33
N VAL A 171 -8.03 10.56 6.41
CA VAL A 171 -8.55 9.62 7.42
C VAL A 171 -8.16 10.08 8.83
N LEU A 172 -6.94 10.59 8.99
CA LEU A 172 -6.49 11.12 10.29
C LEU A 172 -7.23 12.41 10.69
N HIS A 173 -7.46 13.29 9.72
CA HIS A 173 -8.32 14.48 9.91
C HIS A 173 -9.72 14.06 10.38
N ALA A 174 -10.31 13.07 9.70
CA ALA A 174 -11.64 12.56 10.06
C ALA A 174 -11.67 11.92 11.45
N ARG A 175 -10.61 11.19 11.80
CA ARG A 175 -10.52 10.56 13.12
C ARG A 175 -10.58 11.63 14.20
N THR A 176 -9.66 12.59 14.11
CA THR A 176 -9.58 13.68 15.07
C THR A 176 -10.90 14.46 15.16
N LYS A 177 -11.49 14.75 14.00
CA LYS A 177 -12.71 15.56 13.97
C LYS A 177 -13.97 14.80 14.41
N TRP A 178 -14.14 13.56 13.94
CA TRP A 178 -15.44 12.86 14.05
C TRP A 178 -15.52 11.58 14.87
N LEU A 179 -14.39 10.94 15.16
CA LEU A 179 -14.42 9.69 15.91
C LEU A 179 -14.54 9.98 17.41
N LYS A 180 -15.44 9.27 18.08
CA LYS A 180 -15.55 9.32 19.55
C LYS A 180 -14.33 8.68 20.19
N GLU A 181 -13.91 9.21 21.35
CA GLU A 181 -12.82 8.65 22.15
C GLU A 181 -13.07 7.16 22.35
N GLY A 182 -12.05 6.34 22.09
CA GLY A 182 -12.20 4.89 22.12
C GLY A 182 -12.93 4.29 20.93
N GLY A 183 -13.17 5.08 19.88
CA GLY A 183 -13.85 4.59 18.69
C GLY A 183 -12.99 3.60 17.91
N LEU A 184 -13.63 2.85 17.03
CA LEU A 184 -12.97 1.77 16.31
C LEU A 184 -12.39 2.30 15.00
N LEU A 185 -11.16 1.91 14.68
CA LEU A 185 -10.54 2.24 13.38
C LEU A 185 -10.34 0.96 12.60
N LEU A 186 -10.86 0.91 11.37
CA LEU A 186 -10.76 -0.29 10.50
C LEU A 186 -10.10 0.09 9.17
N PRO A 187 -8.87 -0.36 8.91
CA PRO A 187 -8.00 -1.08 9.86
C PRO A 187 -7.45 -0.15 10.93
N ALA A 188 -6.79 -0.71 11.96
CA ALA A 188 -6.28 0.06 13.12
C ALA A 188 -4.80 0.41 13.06
N SER A 189 -4.02 -0.37 12.32
CA SER A 189 -2.59 -0.15 12.25
C SER A 189 -2.09 -0.62 10.93
N ALA A 190 -0.88 -0.17 10.59
CA ALA A 190 -0.16 -0.69 9.45
C ALA A 190 1.29 -0.94 9.83
N GLU A 191 1.94 -1.82 9.08
CA GLU A 191 3.35 -2.11 9.24
C GLU A 191 3.98 -2.15 7.87
N LEU A 192 5.24 -1.71 7.81
CA LEU A 192 6.02 -1.72 6.58
C LEU A 192 7.21 -2.65 6.69
N PHE A 193 7.46 -3.38 5.61
CA PHE A 193 8.54 -4.36 5.49
C PHE A 193 9.44 -4.08 4.30
N ILE A 194 10.70 -4.47 4.46
CA ILE A 194 11.70 -4.39 3.41
C ILE A 194 12.52 -5.67 3.35
N VAL A 195 12.92 -6.03 2.14
CA VAL A 195 13.79 -7.20 1.92
C VAL A 195 14.58 -7.06 0.62
N PRO A 196 15.84 -7.56 0.59
CA PRO A 196 16.53 -7.63 -0.70
C PRO A 196 15.86 -8.63 -1.64
N ILE A 197 15.89 -8.30 -2.93
CA ILE A 197 15.21 -9.10 -3.92
C ILE A 197 16.08 -9.32 -5.16
N SER A 198 15.74 -10.39 -5.86
CA SER A 198 16.23 -10.69 -7.19
C SER A 198 14.99 -10.82 -8.05
N ASP A 199 14.77 -9.84 -8.92
CA ASP A 199 13.62 -9.74 -9.78
C ASP A 199 13.82 -10.57 -11.05
N GLN A 200 13.11 -11.70 -11.15
CA GLN A 200 13.28 -12.62 -12.31
C GLN A 200 12.89 -11.98 -13.62
N MET A 201 11.80 -11.22 -13.61
CA MET A 201 11.33 -10.53 -14.82
C MET A 201 12.36 -9.53 -15.32
N LEU A 202 12.96 -8.77 -14.40
CA LEU A 202 14.01 -7.83 -14.75
C LEU A 202 15.22 -8.56 -15.33
N GLU A 203 15.64 -9.63 -14.66
CA GLU A 203 16.74 -10.45 -15.14
C GLU A 203 16.56 -10.87 -16.61
N TRP A 204 15.35 -11.33 -16.96
CA TRP A 204 15.04 -11.69 -18.34
C TRP A 204 15.23 -10.51 -19.28
N ARG A 205 14.65 -9.38 -18.90
CA ARG A 205 14.73 -8.16 -19.71
C ARG A 205 16.16 -7.68 -19.91
N LEU A 206 16.97 -7.78 -18.86
CA LEU A 206 18.38 -7.44 -18.97
C LEU A 206 19.11 -8.43 -19.88
N GLY A 207 18.75 -9.71 -19.79
CA GLY A 207 19.34 -10.74 -20.65
C GLY A 207 18.88 -10.78 -22.11
N PHE A 208 17.74 -10.13 -22.39
CA PHE A 208 17.12 -10.15 -23.74
C PHE A 208 18.07 -9.80 -24.89
N TRP A 209 18.91 -8.80 -24.69
CA TRP A 209 19.73 -8.25 -25.77
C TRP A 209 20.84 -9.20 -26.19
N SER A 210 21.26 -10.06 -25.27
CA SER A 210 22.17 -11.16 -25.58
C SER A 210 21.54 -12.33 -26.36
N GLN A 211 20.22 -12.41 -26.44
CA GLN A 211 19.56 -13.50 -27.19
C GLN A 211 19.21 -13.18 -28.65
N VAL A 212 19.36 -11.92 -29.05
CA VAL A 212 18.99 -11.45 -30.39
C VAL A 212 19.79 -12.18 -31.49
N LYS A 213 21.10 -12.37 -31.28
CA LYS A 213 21.96 -13.04 -32.27
C LYS A 213 21.43 -14.41 -32.67
N GLN A 214 21.05 -15.20 -31.69
CA GLN A 214 20.46 -16.53 -31.91
C GLN A 214 19.22 -16.53 -32.83
N HIS A 215 18.42 -15.47 -32.79
CA HIS A 215 17.18 -15.39 -33.56
C HIS A 215 17.30 -14.65 -34.90
N TYR A 216 18.09 -13.57 -34.93
CA TYR A 216 18.16 -12.69 -36.11
C TYR A 216 19.56 -12.46 -36.69
N GLY A 217 20.58 -13.13 -36.15
CA GLY A 217 21.94 -13.01 -36.69
C GLY A 217 22.60 -11.66 -36.56
N VAL A 218 22.16 -10.89 -35.58
CA VAL A 218 22.73 -9.58 -35.29
C VAL A 218 23.03 -9.60 -33.80
N ASP A 219 24.26 -9.26 -33.43
CA ASP A 219 24.65 -9.25 -32.05
C ASP A 219 24.29 -7.91 -31.42
N MET A 220 23.39 -7.96 -30.44
CA MET A 220 23.03 -6.76 -29.70
C MET A 220 23.36 -6.91 -28.21
N SER A 221 24.23 -7.86 -27.86
CA SER A 221 24.62 -8.08 -26.45
C SER A 221 25.21 -6.81 -25.84
N CYS A 222 25.89 -6.01 -26.67
CA CYS A 222 26.43 -4.71 -26.26
C CYS A 222 25.41 -3.72 -25.67
N LEU A 223 24.11 -3.95 -25.85
CA LEU A 223 23.09 -3.08 -25.28
C LEU A 223 22.63 -3.49 -23.86
N GLU A 224 23.27 -4.46 -23.22
CA GLU A 224 22.99 -4.75 -21.79
C GLU A 224 23.21 -3.53 -20.90
N GLY A 225 24.36 -2.88 -21.06
CA GLY A 225 24.67 -1.66 -20.31
C GLY A 225 23.55 -0.65 -20.41
N PHE A 226 23.14 -0.38 -21.65
CA PHE A 226 22.01 0.48 -21.95
C PHE A 226 20.72 0.06 -21.23
N ALA A 227 20.34 -1.22 -21.36
CA ALA A 227 19.12 -1.72 -20.71
C ALA A 227 19.20 -1.57 -19.18
N THR A 228 20.37 -1.83 -18.62
CA THR A 228 20.59 -1.71 -17.17
C THR A 228 20.43 -0.27 -16.70
N ARG A 229 21.11 0.66 -17.36
CA ARG A 229 20.98 2.08 -17.03
C ARG A 229 19.54 2.55 -17.10
N CYS A 230 18.82 2.14 -18.15
CA CYS A 230 17.45 2.54 -18.35
C CYS A 230 16.48 1.93 -17.35
N LEU A 231 16.65 0.66 -17.03
CA LEU A 231 15.68 -0.06 -16.19
C LEU A 231 16.00 0.02 -14.70
N MET A 232 17.29 0.19 -14.36
CA MET A 232 17.76 0.25 -12.97
C MET A 232 18.35 1.61 -12.51
N GLY A 233 18.87 2.43 -13.44
CA GLY A 233 19.60 3.67 -13.08
C GLY A 233 18.77 4.89 -12.79
N HIS A 234 17.47 4.80 -13.00
CA HIS A 234 16.54 5.87 -12.64
C HIS A 234 16.35 5.95 -11.12
N SER A 235 15.56 6.92 -10.66
CA SER A 235 15.24 7.14 -9.23
C SER A 235 13.73 7.07 -8.93
N GLU A 236 13.04 6.20 -9.65
CA GLU A 236 11.61 6.01 -9.47
C GLU A 236 11.35 4.69 -8.73
N ILE A 237 10.28 4.67 -7.97
CA ILE A 237 9.75 3.46 -7.35
C ILE A 237 8.96 2.73 -8.42
N VAL A 238 9.22 1.43 -8.57
CA VAL A 238 8.53 0.61 -9.55
C VAL A 238 7.56 -0.32 -8.83
N VAL A 239 6.29 -0.27 -9.21
CA VAL A 239 5.28 -1.15 -8.61
C VAL A 239 5.23 -2.38 -9.48
N GLN A 240 5.54 -3.54 -8.87
CA GLN A 240 5.61 -4.81 -9.57
C GLN A 240 5.33 -5.95 -8.60
N GLY A 241 4.60 -6.97 -9.05
CA GLY A 241 4.28 -8.15 -8.23
C GLY A 241 5.42 -9.16 -8.28
N LEU A 242 5.94 -9.54 -7.13
CA LEU A 242 6.98 -10.54 -7.03
C LEU A 242 6.38 -11.79 -6.42
N SER A 243 7.15 -12.87 -6.47
CA SER A 243 6.82 -14.09 -5.74
C SER A 243 7.89 -14.39 -4.70
N GLY A 244 7.61 -15.41 -3.89
CA GLY A 244 8.49 -15.82 -2.83
C GLY A 244 9.89 -16.14 -3.27
N GLU A 245 10.07 -16.69 -4.47
CA GLU A 245 11.40 -17.05 -4.95
C GLU A 245 12.29 -15.83 -5.29
N ASP A 246 11.67 -14.66 -5.48
CA ASP A 246 12.42 -13.39 -5.67
C ASP A 246 13.06 -12.86 -4.36
N VAL A 247 12.60 -13.36 -3.21
CA VAL A 247 12.98 -12.81 -1.91
C VAL A 247 14.29 -13.46 -1.47
N LEU A 248 15.31 -12.64 -1.18
CA LEU A 248 16.67 -13.15 -0.91
C LEU A 248 17.07 -13.34 0.56
N ALA A 249 16.22 -12.93 1.48
CA ALA A 249 16.48 -12.96 2.90
C ALA A 249 15.16 -12.87 3.66
N ARG A 250 15.21 -12.95 4.99
CA ARG A 250 14.01 -12.76 5.81
C ARG A 250 13.58 -11.30 5.76
N PRO A 251 12.30 -11.06 5.47
CA PRO A 251 11.80 -9.68 5.49
C PRO A 251 11.92 -9.07 6.86
N GLN A 252 12.18 -7.77 6.89
CA GLN A 252 12.37 -7.05 8.12
C GLN A 252 11.33 -5.96 8.20
N ARG A 253 10.65 -5.89 9.33
CA ARG A 253 9.78 -4.78 9.61
C ARG A 253 10.60 -3.53 9.90
N PHE A 254 10.31 -2.44 9.20
CA PHE A 254 11.02 -1.18 9.47
C PHE A 254 10.17 -0.06 10.04
N ALA A 255 8.85 -0.21 10.07
CA ALA A 255 8.00 0.77 10.73
C ALA A 255 6.63 0.21 11.07
N GLN A 256 6.01 0.83 12.07
CA GLN A 256 4.68 0.53 12.54
C GLN A 256 3.93 1.84 12.68
N LEU A 257 2.68 1.85 12.24
CA LEU A 257 1.83 3.05 12.32
C LEU A 257 0.61 2.65 13.10
N GLU A 258 0.48 3.16 14.31
CA GLU A 258 -0.70 2.90 15.12
C GLU A 258 -1.60 4.09 14.87
N LEU A 259 -2.71 3.86 14.17
CA LEU A 259 -3.50 4.96 13.61
C LEU A 259 -4.30 5.75 14.65
N SER A 260 -4.48 5.19 15.85
CA SER A 260 -5.13 5.89 16.97
C SER A 260 -4.30 7.02 17.59
N ARG A 261 -2.99 7.06 17.32
CA ARG A 261 -2.12 8.01 17.98
C ARG A 261 -2.33 9.42 17.43
N ALA A 262 -2.75 10.36 18.28
CA ALA A 262 -2.67 11.79 17.94
C ALA A 262 -1.19 12.17 17.76
N GLY A 263 -0.94 13.16 16.91
CA GLY A 263 0.42 13.49 16.49
C GLY A 263 1.06 12.50 15.52
N LEU A 264 0.29 11.56 14.97
CA LEU A 264 0.80 10.68 13.92
C LEU A 264 1.02 11.49 12.64
N GLU A 265 0.10 12.40 12.34
CA GLU A 265 0.26 13.37 11.24
C GLU A 265 1.62 14.08 11.33
N GLN A 266 1.98 14.51 12.53
CA GLN A 266 3.27 15.18 12.80
C GLN A 266 4.45 14.22 12.60
N GLU A 267 4.35 13.01 13.14
CA GLU A 267 5.37 11.95 12.94
C GLU A 267 5.62 11.61 11.47
N LEU A 268 4.53 11.51 10.69
CA LEU A 268 4.62 11.24 9.26
C LEU A 268 5.38 12.32 8.49
N GLU A 269 5.21 13.58 8.91
CA GLU A 269 5.84 14.72 8.23
C GLU A 269 7.36 14.70 8.40
N ALA A 270 7.84 14.31 9.59
CA ALA A 270 9.26 14.06 9.83
C ALA A 270 9.78 12.93 8.93
N GLY A 271 9.04 11.82 8.92
CA GLY A 271 9.34 10.69 8.04
C GLY A 271 9.21 9.40 8.81
N VAL A 272 8.78 8.34 8.14
CA VAL A 272 8.66 7.04 8.81
C VAL A 272 9.72 6.09 8.26
N GLY A 273 10.32 5.33 9.17
CA GLY A 273 11.24 4.30 8.77
C GLY A 273 12.21 3.97 9.84
N GLY A 274 13.30 3.33 9.44
CA GLY A 274 14.24 2.83 10.40
C GLY A 274 15.31 2.01 9.76
N ARG A 275 16.14 1.40 10.60
CA ARG A 275 17.22 0.55 10.16
C ARG A 275 16.73 -0.85 9.96
N PHE A 276 17.48 -1.59 9.17
CA PHE A 276 17.19 -2.98 8.94
C PHE A 276 18.49 -3.73 8.74
N ARG A 277 18.45 -5.03 8.97
CA ARG A 277 19.59 -5.90 8.74
C ARG A 277 19.07 -7.28 8.40
N CYS A 278 19.73 -7.97 7.50
CA CYS A 278 19.37 -9.36 7.20
C CYS A 278 20.52 -10.07 6.54
N SER A 279 20.32 -11.37 6.33
CA SER A 279 21.36 -12.26 5.81
CA SER A 279 21.35 -12.27 5.82
C SER A 279 20.77 -13.06 4.67
N CYS A 280 21.48 -13.07 3.53
CA CYS A 280 20.94 -13.67 2.31
C CYS A 280 20.95 -15.19 2.36
N TYR A 281 19.99 -15.79 1.67
CA TYR A 281 19.80 -17.23 1.68
C TYR A 281 20.74 -18.01 0.76
N GLY A 282 21.19 -17.39 -0.32
CA GLY A 282 21.98 -18.12 -1.33
C GLY A 282 22.51 -17.23 -2.41
N SER A 283 23.13 -17.84 -3.42
CA SER A 283 23.66 -17.11 -4.57
C SER A 283 22.56 -16.52 -5.40
N ALA A 284 22.68 -15.23 -5.73
CA ALA A 284 21.71 -14.56 -6.57
C ALA A 284 22.20 -13.19 -7.04
N PRO A 285 21.65 -12.71 -8.17
CA PRO A 285 21.85 -11.33 -8.58
C PRO A 285 20.83 -10.46 -7.84
N MET A 286 21.28 -9.73 -6.85
CA MET A 286 20.41 -8.82 -6.11
C MET A 286 20.19 -7.56 -6.94
N HIS A 287 18.92 -7.22 -7.18
CA HIS A 287 18.55 -6.05 -7.97
C HIS A 287 18.14 -4.86 -7.14
N GLY A 288 17.94 -5.04 -5.84
CA GLY A 288 17.41 -4.01 -5.00
C GLY A 288 16.61 -4.52 -3.84
N PHE A 289 15.66 -3.70 -3.40
CA PHE A 289 14.80 -4.03 -2.30
C PHE A 289 13.36 -3.93 -2.74
N ALA A 290 12.52 -4.75 -2.10
CA ALA A 290 11.07 -4.62 -2.18
C ALA A 290 10.53 -4.15 -0.85
N ILE A 291 9.56 -3.25 -0.92
CA ILE A 291 8.81 -2.78 0.23
C ILE A 291 7.37 -3.17 0.05
N TRP A 292 6.74 -3.53 1.16
CA TRP A 292 5.31 -3.78 1.18
C TRP A 292 4.75 -3.49 2.55
N PHE A 293 3.43 -3.54 2.65
CA PHE A 293 2.76 -3.26 3.89
C PHE A 293 1.77 -4.36 4.27
N GLN A 294 1.33 -4.32 5.50
CA GLN A 294 0.13 -5.02 5.94
C GLN A 294 -0.63 -4.05 6.82
N VAL A 295 -1.91 -4.31 6.98
CA VAL A 295 -2.75 -3.59 7.92
C VAL A 295 -3.53 -4.62 8.72
N THR A 296 -3.95 -4.22 9.91
CA THR A 296 -4.58 -5.11 10.87
C THR A 296 -5.91 -4.55 11.32
N PHE A 297 -6.91 -5.43 11.31
CA PHE A 297 -8.23 -5.13 11.83
C PHE A 297 -8.34 -5.81 13.20
N PRO A 298 -8.70 -5.07 14.26
CA PRO A 298 -8.92 -5.77 15.56
C PRO A 298 -10.06 -6.79 15.48
N GLY A 299 -9.98 -7.85 16.29
CA GLY A 299 -10.90 -9.01 16.21
C GLY A 299 -12.02 -9.04 17.24
N GLU A 303 -11.11 -13.34 19.06
CA GLU A 303 -10.52 -12.02 19.25
C GLU A 303 -9.05 -11.94 18.76
N LYS A 304 -8.69 -12.76 17.76
CA LYS A 304 -7.40 -12.64 17.06
C LYS A 304 -7.54 -11.60 15.92
N PRO A 305 -6.63 -10.61 15.84
CA PRO A 305 -6.74 -9.60 14.75
C PRO A 305 -6.64 -10.18 13.35
N LEU A 306 -7.34 -9.60 12.38
CA LEU A 306 -7.22 -10.05 11.00
C LEU A 306 -6.15 -9.20 10.29
N VAL A 307 -5.24 -9.86 9.57
CA VAL A 307 -4.16 -9.19 8.85
C VAL A 307 -4.39 -9.26 7.36
N LEU A 308 -4.44 -8.08 6.71
CA LEU A 308 -4.39 -7.99 5.26
C LEU A 308 -2.95 -7.68 4.89
N SER A 309 -2.30 -8.60 4.18
CA SER A 309 -0.89 -8.48 3.82
C SER A 309 -0.70 -8.40 2.32
N THR A 310 0.30 -7.61 1.90
CA THR A 310 0.70 -7.48 0.51
C THR A 310 2.08 -8.05 0.23
N SER A 311 2.55 -8.93 1.12
CA SER A 311 3.81 -9.63 0.96
C SER A 311 3.84 -10.51 -0.30
N PRO A 312 5.01 -10.66 -0.93
CA PRO A 312 5.16 -11.60 -2.04
C PRO A 312 4.92 -13.07 -1.69
N PHE A 313 5.01 -13.43 -0.41
CA PHE A 313 4.70 -14.81 0.05
C PHE A 313 3.20 -15.07 0.22
N HIS A 314 2.40 -14.01 0.26
CA HIS A 314 0.97 -14.12 0.48
C HIS A 314 0.26 -13.99 -0.86
N PRO A 315 -1.07 -14.29 -0.90
CA PRO A 315 -1.77 -14.19 -2.17
C PRO A 315 -1.62 -12.80 -2.78
N ALA A 316 -1.52 -12.77 -4.09
CA ALA A 316 -1.33 -11.56 -4.85
C ALA A 316 -2.48 -10.60 -4.62
N THR A 317 -2.16 -9.31 -4.52
CA THR A 317 -3.14 -8.25 -4.47
C THR A 317 -2.86 -7.24 -5.57
N HIS A 318 -3.80 -6.33 -5.79
CA HIS A 318 -3.62 -5.29 -6.80
C HIS A 318 -2.51 -4.28 -6.39
N TRP A 319 -2.19 -4.21 -5.10
CA TRP A 319 -1.10 -3.38 -4.61
C TRP A 319 0.28 -3.84 -4.99
N LYS A 320 0.44 -5.12 -5.27
CA LYS A 320 1.72 -5.70 -5.64
C LYS A 320 2.74 -5.35 -4.53
N GLN A 321 3.98 -5.04 -4.89
CA GLN A 321 4.99 -4.50 -3.97
C GLN A 321 5.67 -3.29 -4.63
N ALA A 322 6.38 -2.49 -3.83
CA ALA A 322 7.13 -1.33 -4.35
C ALA A 322 8.60 -1.68 -4.41
N LEU A 323 9.20 -1.59 -5.60
CA LEU A 323 10.58 -1.99 -5.81
C LEU A 323 11.53 -0.78 -5.87
N LEU A 324 12.65 -0.91 -5.18
CA LEU A 324 13.73 0.05 -5.16
C LEU A 324 14.95 -0.60 -5.77
N TYR A 325 15.20 -0.30 -7.05
CA TYR A 325 16.32 -0.91 -7.76
C TYR A 325 17.62 -0.18 -7.45
N LEU A 326 18.69 -0.96 -7.26
CA LEU A 326 20.04 -0.42 -7.23
C LEU A 326 20.41 0.01 -8.67
N ASN A 327 21.46 0.80 -8.82
CA ASN A 327 21.88 1.27 -10.15
C ASN A 327 22.28 0.13 -11.08
N GLU A 328 22.80 -0.96 -10.52
N GLU A 328 22.81 -0.95 -10.52
CA GLU A 328 23.04 -2.17 -11.27
CA GLU A 328 23.06 -2.17 -11.28
C GLU A 328 22.99 -3.36 -10.32
C GLU A 328 23.03 -3.37 -10.32
N PRO A 329 22.93 -4.60 -10.87
CA PRO A 329 22.90 -5.81 -10.03
C PRO A 329 24.15 -6.00 -9.18
N VAL A 330 24.00 -6.59 -8.00
CA VAL A 330 25.14 -6.98 -7.17
C VAL A 330 24.98 -8.45 -6.76
N GLN A 331 26.05 -9.23 -6.93
CA GLN A 331 26.01 -10.64 -6.63
C GLN A 331 26.04 -10.82 -5.10
N VAL A 332 25.16 -11.66 -4.57
CA VAL A 332 25.20 -12.00 -3.15
C VAL A 332 25.36 -13.51 -3.04
N GLU A 333 25.73 -13.94 -1.85
CA GLU A 333 25.90 -15.35 -1.53
C GLU A 333 25.17 -15.65 -0.24
N GLN A 334 25.12 -16.93 0.10
CA GLN A 334 24.63 -17.35 1.39
C GLN A 334 25.40 -16.63 2.49
N ASP A 335 24.66 -16.06 3.43
CA ASP A 335 25.18 -15.29 4.55
C ASP A 335 25.73 -13.90 4.23
N THR A 336 25.60 -13.41 3.00
CA THR A 336 25.92 -12.00 2.72
C THR A 336 25.00 -11.12 3.60
N ASP A 337 25.60 -10.25 4.41
CA ASP A 337 24.82 -9.32 5.22
C ASP A 337 24.33 -8.17 4.34
N VAL A 338 23.06 -7.79 4.50
CA VAL A 338 22.51 -6.63 3.83
C VAL A 338 21.86 -5.79 4.90
N SER A 339 22.25 -4.53 4.97
CA SER A 339 21.76 -3.65 6.00
C SER A 339 21.56 -2.24 5.43
N GLY A 340 20.82 -1.43 6.16
CA GLY A 340 20.60 -0.07 5.74
C GLY A 340 19.61 0.66 6.60
N GLU A 341 19.24 1.82 6.10
CA GLU A 341 18.25 2.67 6.73
C GLU A 341 17.35 3.19 5.64
N ILE A 342 16.06 3.18 5.92
CA ILE A 342 15.07 3.62 4.94
C ILE A 342 14.13 4.57 5.59
N THR A 343 13.83 5.68 4.92
CA THR A 343 12.88 6.69 5.42
C THR A 343 11.92 7.08 4.32
N LEU A 344 10.62 7.08 4.62
CA LEU A 344 9.61 7.55 3.70
C LEU A 344 9.17 8.90 4.23
N LEU A 345 9.21 9.93 3.38
CA LEU A 345 8.72 11.24 3.81
C LEU A 345 8.09 12.05 2.67
N PRO A 346 7.23 13.03 3.03
CA PRO A 346 6.75 14.03 2.04
C PRO A 346 7.85 15.02 1.64
N PRO A 351 9.08 19.91 -4.86
CA PRO A 351 8.04 20.13 -5.86
C PRO A 351 6.77 19.26 -5.67
N ARG A 352 6.40 19.00 -4.42
CA ARG A 352 5.35 18.03 -4.02
C ARG A 352 5.69 16.59 -4.42
N ARG A 353 6.36 15.89 -3.52
N ARG A 353 6.41 15.89 -3.55
CA ARG A 353 6.90 14.57 -3.79
CA ARG A 353 6.83 14.53 -3.81
C ARG A 353 7.03 13.77 -2.49
C ARG A 353 7.04 13.76 -2.51
N LEU A 354 6.71 12.48 -2.53
CA LEU A 354 7.00 11.57 -1.42
C LEU A 354 8.35 10.87 -1.66
N ARG A 355 9.37 11.32 -0.94
CA ARG A 355 10.72 10.80 -1.13
C ARG A 355 10.91 9.48 -0.36
N VAL A 356 11.64 8.55 -0.97
CA VAL A 356 12.15 7.39 -0.29
C VAL A 356 13.64 7.55 -0.18
N LEU A 357 14.12 7.71 1.05
CA LEU A 357 15.54 7.86 1.34
C LEU A 357 16.15 6.53 1.76
N LEU A 358 17.14 6.06 1.01
CA LEU A 358 17.74 4.76 1.27
C LEU A 358 19.25 4.88 1.32
N ARG A 359 19.82 4.37 2.40
CA ARG A 359 21.24 4.19 2.56
C ARG A 359 21.45 2.73 2.89
N TYR A 360 22.32 2.03 2.18
CA TYR A 360 22.44 0.59 2.33
C TYR A 360 23.86 0.10 2.13
N LYS A 361 24.09 -1.14 2.57
CA LYS A 361 25.38 -1.79 2.48
C LYS A 361 25.14 -3.26 2.15
N VAL A 362 25.76 -3.74 1.08
CA VAL A 362 25.66 -5.13 0.67
C VAL A 362 27.04 -5.74 0.86
N GLY A 363 27.18 -6.66 1.81
CA GLY A 363 28.40 -7.43 1.96
C GLY A 363 29.58 -6.55 2.34
N ASP A 364 30.70 -6.71 1.64
CA ASP A 364 31.89 -5.89 1.86
C ASP A 364 31.90 -4.56 1.09
N GLN A 365 30.92 -4.34 0.19
CA GLN A 365 30.79 -3.03 -0.46
C GLN A 365 30.71 -1.91 0.58
N GLU A 366 31.18 -0.74 0.18
CA GLU A 366 30.97 0.47 0.96
C GLU A 366 29.45 0.83 0.98
N GLU A 367 29.03 1.53 2.04
CA GLU A 367 27.67 2.05 2.11
C GLU A 367 27.36 2.94 0.91
N LYS A 368 26.12 2.89 0.42
CA LYS A 368 25.70 3.72 -0.70
C LYS A 368 24.37 4.34 -0.40
N THR A 369 24.15 5.53 -0.95
CA THR A 369 22.88 6.20 -0.85
C THR A 369 22.23 6.09 -2.22
N LYS A 370 20.94 5.75 -2.24
CA LYS A 370 20.12 5.97 -3.44
C LYS A 370 18.77 6.42 -3.01
N ASP A 371 18.36 7.59 -3.47
CA ASP A 371 17.08 8.15 -3.06
C ASP A 371 16.12 8.08 -4.24
N PHE A 372 14.86 7.82 -3.94
CA PHE A 372 13.85 7.64 -4.95
C PHE A 372 12.75 8.62 -4.64
N ALA A 373 11.84 8.83 -5.58
CA ALA A 373 10.71 9.71 -5.30
C ALA A 373 9.48 9.35 -6.10
N MET A 374 8.34 9.77 -5.56
N MET A 374 8.33 9.75 -5.57
CA MET A 374 7.02 9.64 -6.19
CA MET A 374 7.04 9.63 -6.23
C MET A 374 6.44 11.05 -6.35
C MET A 374 6.43 11.03 -6.36
N GLU A 375 6.37 11.51 -7.59
CA GLU A 375 5.72 12.79 -7.92
C GLU A 375 4.26 12.58 -8.39
N ASP A 376 3.87 11.31 -8.57
CA ASP A 376 2.53 10.86 -9.00
C ASP A 376 2.38 10.84 -10.52
N SAH B . -13.86 2.67 -0.09
CA SAH B . -13.99 2.35 -1.51
CB SAH B . -13.08 3.13 -2.45
CG SAH B . -11.62 3.26 -2.05
SD SAH B . -10.77 4.26 -3.25
C SAH B . -13.76 0.89 -1.57
O SAH B . -13.18 0.35 -0.64
OXT SAH B . -14.17 0.21 -2.51
C5' SAH B . -10.49 5.75 -2.31
C4' SAH B . -11.65 6.73 -2.55
O4' SAH B . -11.58 7.85 -1.68
C3' SAH B . -11.71 7.27 -3.96
O3' SAH B . -12.95 6.83 -4.52
C2' SAH B . -11.53 8.79 -3.82
O2' SAH B . -12.38 9.56 -4.68
C1' SAH B . -11.93 9.05 -2.38
N9 SAH B . -11.29 10.18 -1.69
C8 SAH B . -10.02 10.61 -1.79
N7 SAH B . -9.79 11.66 -0.96
C5 SAH B . -10.95 11.92 -0.32
C6 SAH B . -11.41 12.92 0.69
N6 SAH B . -10.55 13.86 1.17
N1 SAH B . -12.70 12.83 1.10
C2 SAH B . -13.56 11.89 0.61
N3 SAH B . -13.20 10.97 -0.31
C4 SAH B . -11.94 10.95 -0.79
C4 A0S C . 1.88 7.20 3.81
C5 A0S C . 0.53 5.96 2.13
C6 A0S C . 1.62 6.26 1.12
N1 A0S C . 2.81 5.46 1.43
C7 A0S C . 3.68 5.28 0.41
C8 A0S C . 4.78 4.29 0.49
C9 A0S C . 5.00 3.18 1.23
C10 A0S C . 6.19 2.61 0.76
C11 A0S C . 6.63 3.38 -0.23
C12 A0S C . 3.21 5.30 2.84
C13 A0S C . 2.51 4.12 3.54
C14 A0S C . 1.87 3.13 2.78
C15 A0S C . 1.27 2.05 3.39
F A0S C . 0.80 0.85 5.35
C16 A0S C . 1.32 1.95 4.75
C17 A0S C . 1.94 2.90 5.54
C18 A0S C . 2.53 3.98 4.92
C19 A0S C . 3.13 6.61 3.60
C3 A0S C . 1.80 8.41 4.50
C2 A0S C . 2.95 9.04 4.94
C20 A0S C . 4.28 7.27 4.06
C1 A0S C . 4.21 8.49 4.73
C A0S C . 5.46 9.18 5.22
O A0S C . -0.43 5.21 1.93
N A0S C . 0.70 6.59 3.32
O1 A0S C . 3.55 5.92 -0.63
O2 A0S C . 5.80 4.46 -0.43
BR A0S C . 8.13 3.08 -1.33
C1 144 D . -7.82 1.60 -3.93
N 144 D . -6.53 2.28 -4.01
C2 144 D . -5.46 1.23 -4.22
O2 144 D . -4.15 1.64 -4.66
C3 144 D . -6.58 3.20 -5.16
O3 144 D . -6.99 2.50 -6.35
C4 144 D . -6.50 3.10 -2.77
O4 144 D . -5.95 2.46 -1.61
#